data_4OSO
#
_entry.id   4OSO
#
_cell.length_a   91.990
_cell.length_b   91.990
_cell.length_c   106.220
_cell.angle_alpha   90.00
_cell.angle_beta   90.00
_cell.angle_gamma   90.00
#
_symmetry.space_group_name_H-M   'P 41 21 2'
#
loop_
_entity.id
_entity.type
_entity.pdbx_description
1 polymer 'Reductase homolog'
2 non-polymer 'NADP NICOTINAMIDE-ADENINE-DINUCLEOTIDE PHOSPHATE'
3 non-polymer rabelomycin
4 non-polymer DI(HYDROXYETHYL)ETHER
5 water water
#
_entity_poly.entity_id   1
_entity_poly.type   'polypeptide(L)'
_entity_poly.pdbx_seq_one_letter_code
;MAHHHHHHHRSGNLTGKTALVTGASRGIGRAIAEKLGYAGALVAVHYATGADAAAEVAESIEKDGGRAFTVKAELGVPGD
VDVLFEGLERGLKERTGATDLDILVNNAGVMAMGAPEEVTPEMFDRMMAVNAKAPFFIVQRALSVMPDGGRIINVSSGLT
RVASPDQVTYGMSKGALEQIALHFSRHLGSRRITVNSVAPGSTDNGSALFQIPEVRETLSQLSTFGEVAEPAAIADVVAF
LASEDARWITGAFIDASGGTLLG
;
_entity_poly.pdbx_strand_id   A,B
#
loop_
_chem_comp.id
_chem_comp.type
_chem_comp.name
_chem_comp.formula
2V4 non-polymer rabelomycin 'C19 H14 O6'
NAP non-polymer 'NADP NICOTINAMIDE-ADENINE-DINUCLEOTIDE PHOSPHATE' 'C21 H28 N7 O17 P3'
PEG non-polymer DI(HYDROXYETHYL)ETHER 'C4 H10 O3'
#
# COMPACT_ATOMS: atom_id res chain seq x y z
N GLY A 12 12.86 -3.58 -13.82
CA GLY A 12 12.10 -3.26 -15.06
C GLY A 12 10.74 -3.92 -15.11
N ASN A 13 9.99 -3.84 -14.01
CA ASN A 13 8.67 -4.49 -13.94
C ASN A 13 7.54 -3.72 -14.64
N LEU A 14 7.85 -2.51 -15.11
CA LEU A 14 6.92 -1.70 -15.90
C LEU A 14 7.37 -1.61 -17.36
N THR A 15 8.24 -2.53 -17.76
CA THR A 15 8.77 -2.58 -19.12
C THR A 15 7.62 -2.78 -20.09
N GLY A 16 7.56 -1.91 -21.10
CA GLY A 16 6.47 -1.93 -22.08
C GLY A 16 5.28 -1.05 -21.73
N LYS A 17 5.28 -0.53 -20.51
CA LYS A 17 4.17 0.30 -20.04
C LYS A 17 4.38 1.77 -20.37
N THR A 18 3.28 2.51 -20.43
CA THR A 18 3.32 3.94 -20.62
C THR A 18 2.60 4.58 -19.44
N ALA A 19 2.98 5.82 -19.13
CA ALA A 19 2.50 6.50 -17.93
C ALA A 19 2.39 8.01 -18.12
N LEU A 20 1.32 8.58 -17.58
CA LEU A 20 1.22 10.04 -17.42
C LEU A 20 1.30 10.40 -15.94
N VAL A 21 2.22 11.28 -15.60
CA VAL A 21 2.28 11.90 -14.27
C VAL A 21 2.05 13.41 -14.43
N THR A 22 0.96 13.94 -13.84
CA THR A 22 0.71 15.38 -13.92
C THR A 22 1.46 16.08 -12.79
N GLY A 23 1.88 17.31 -13.03
CA GLY A 23 2.66 18.05 -12.04
C GLY A 23 3.97 17.36 -11.75
N ALA A 24 4.67 16.97 -12.81
CA ALA A 24 5.88 16.16 -12.70
C ALA A 24 7.18 16.99 -12.81
N SER A 25 7.03 18.30 -12.89
CA SER A 25 8.18 19.18 -13.05
C SER A 25 8.98 19.33 -11.74
N ARG A 26 8.34 19.01 -10.61
CA ARG A 26 8.93 19.20 -9.29
C ARG A 26 8.22 18.37 -8.23
N GLY A 27 8.77 18.40 -7.02
CA GLY A 27 8.09 17.84 -5.85
C GLY A 27 7.80 16.35 -5.96
N ILE A 28 6.63 15.95 -5.49
CA ILE A 28 6.25 14.54 -5.43
C ILE A 28 6.12 13.95 -6.84
N GLY A 29 5.62 14.74 -7.77
CA GLY A 29 5.40 14.31 -9.14
C GLY A 29 6.70 14.00 -9.84
N ARG A 30 7.72 14.82 -9.59
CA ARG A 30 9.07 14.57 -10.11
C ARG A 30 9.58 13.21 -9.62
N ALA A 31 9.47 13.01 -8.31
CA ALA A 31 9.87 11.78 -7.67
C ALA A 31 9.13 10.57 -8.24
N ILE A 32 7.82 10.71 -8.46
CA ILE A 32 6.99 9.64 -9.00
C ILE A 32 7.43 9.30 -10.43
N ALA A 33 7.61 10.35 -11.24
CA ALA A 33 8.12 10.23 -12.60
C ALA A 33 9.47 9.53 -12.64
N GLU A 34 10.36 9.89 -11.72
CA GLU A 34 11.70 9.28 -11.71
C GLU A 34 11.63 7.78 -11.39
N LYS A 35 10.76 7.42 -10.44
CA LYS A 35 10.59 6.04 -10.00
C LYS A 35 9.92 5.17 -11.05
N LEU A 36 8.85 5.66 -11.64
CA LEU A 36 8.22 4.97 -12.76
C LEU A 36 9.18 4.79 -13.95
N GLY A 37 9.91 5.85 -14.28
CA GLY A 37 10.88 5.78 -15.37
C GLY A 37 11.89 4.69 -15.13
N TYR A 38 12.42 4.67 -13.90
CA TYR A 38 13.43 3.72 -13.51
C TYR A 38 12.90 2.31 -13.64
N ALA A 39 11.59 2.12 -13.47
CA ALA A 39 11.00 0.79 -13.55
C ALA A 39 10.71 0.34 -14.99
N GLY A 40 11.05 1.18 -15.97
CA GLY A 40 10.92 0.84 -17.38
C GLY A 40 9.71 1.37 -18.14
N ALA A 41 8.94 2.26 -17.52
CA ALA A 41 7.79 2.88 -18.20
C ALA A 41 8.20 4.11 -19.00
N LEU A 42 7.60 4.27 -20.17
CA LEU A 42 7.68 5.54 -20.88
C LEU A 42 6.81 6.57 -20.13
N VAL A 43 7.44 7.65 -19.66
CA VAL A 43 6.75 8.61 -18.81
C VAL A 43 6.55 9.93 -19.50
N ALA A 44 5.29 10.37 -19.53
CA ALA A 44 4.96 11.72 -19.93
C ALA A 44 5.06 12.59 -18.68
N VAL A 45 6.07 13.44 -18.67
CA VAL A 45 6.31 14.36 -17.57
C VAL A 45 5.51 15.63 -17.83
N HIS A 46 4.38 15.80 -17.13
CA HIS A 46 3.50 16.95 -17.35
C HIS A 46 3.81 18.16 -16.48
N TYR A 47 3.52 19.35 -17.02
CA TYR A 47 3.76 20.63 -16.35
C TYR A 47 2.81 21.74 -16.84
N ALA A 48 2.82 22.86 -16.14
CA ALA A 48 2.03 24.03 -16.53
C ALA A 48 2.93 25.14 -17.08
N THR A 49 3.89 25.58 -16.27
CA THR A 49 4.82 26.64 -16.67
C THR A 49 6.28 26.30 -16.38
N GLY A 50 6.52 25.23 -15.63
CA GLY A 50 7.89 24.78 -15.35
C GLY A 50 8.55 23.94 -16.44
N ALA A 51 8.76 24.56 -17.62
CA ALA A 51 9.29 23.88 -18.82
C ALA A 51 10.72 23.36 -18.69
N ASP A 52 11.60 24.18 -18.11
CA ASP A 52 12.99 23.79 -17.85
C ASP A 52 13.09 22.70 -16.81
N ALA A 53 12.24 22.78 -15.78
CA ALA A 53 12.21 21.79 -14.71
C ALA A 53 11.73 20.44 -15.24
N ALA A 54 10.70 20.47 -16.08
CA ALA A 54 10.13 19.26 -16.69
C ALA A 54 11.15 18.54 -17.55
N ALA A 55 11.95 19.34 -18.28
CA ALA A 55 12.97 18.83 -19.18
C ALA A 55 14.13 18.20 -18.42
N GLU A 56 14.43 18.74 -17.24
CA GLU A 56 15.41 18.14 -16.32
C GLU A 56 14.95 16.78 -15.84
N VAL A 57 13.66 16.67 -15.55
CA VAL A 57 13.09 15.41 -15.05
C VAL A 57 13.09 14.37 -16.16
N ALA A 58 12.74 14.80 -17.37
CA ALA A 58 12.75 13.94 -18.55
C ALA A 58 14.16 13.45 -18.89
N GLU A 59 15.15 14.33 -18.72
CA GLU A 59 16.53 13.97 -19.05
C GLU A 59 17.07 12.97 -18.04
N SER A 60 16.77 13.18 -16.76
CA SER A 60 17.27 12.31 -15.70
C SER A 60 16.71 10.88 -15.78
N ILE A 61 15.48 10.73 -16.29
CA ILE A 61 14.94 9.40 -16.62
C ILE A 61 15.72 8.73 -17.73
N GLU A 62 15.99 9.47 -18.81
CA GLU A 62 16.80 8.99 -19.95
C GLU A 62 18.23 8.68 -19.55
N LYS A 63 18.85 9.63 -18.86
CA LYS A 63 20.18 9.50 -18.24
C LYS A 63 20.36 8.15 -17.51
N ASP A 64 19.36 7.77 -16.73
CA ASP A 64 19.36 6.50 -15.98
C ASP A 64 18.88 5.27 -16.78
N GLY A 65 18.62 5.47 -18.08
CA GLY A 65 18.34 4.38 -19.00
C GLY A 65 16.90 4.17 -19.45
N GLY A 66 16.02 5.10 -19.08
CA GLY A 66 14.59 5.01 -19.40
C GLY A 66 14.16 5.85 -20.60
N ARG A 67 12.86 6.17 -20.66
CA ARG A 67 12.27 6.94 -21.77
C ARG A 67 11.25 7.99 -21.30
N ALA A 68 11.39 9.22 -21.77
CA ALA A 68 10.47 10.27 -21.34
C ALA A 68 10.30 11.41 -22.35
N PHE A 69 9.22 12.17 -22.17
CA PHE A 69 9.05 13.44 -22.83
C PHE A 69 8.18 14.33 -21.92
N THR A 70 8.05 15.59 -22.29
CA THR A 70 7.28 16.52 -21.48
C THR A 70 6.01 16.95 -22.23
N VAL A 71 4.97 17.24 -21.45
CA VAL A 71 3.72 17.74 -21.98
C VAL A 71 3.28 18.95 -21.19
N LYS A 72 3.08 20.06 -21.90
CA LYS A 72 2.61 21.30 -21.33
C LYS A 72 1.09 21.33 -21.38
N ALA A 73 0.45 21.47 -20.22
CA ALA A 73 -0.99 21.76 -20.14
C ALA A 73 -1.33 22.45 -18.84
N GLU A 74 -1.76 23.71 -18.95
CA GLU A 74 -2.26 24.47 -17.81
C GLU A 74 -3.65 23.95 -17.46
N LEU A 75 -3.78 23.33 -16.29
CA LEU A 75 -5.08 22.80 -15.86
C LEU A 75 -5.92 23.81 -15.11
N GLY A 76 -7.24 23.65 -15.20
CA GLY A 76 -8.18 24.50 -14.48
C GLY A 76 -8.84 25.56 -15.33
N VAL A 77 -8.47 25.57 -16.61
CA VAL A 77 -9.05 26.52 -17.57
C VAL A 77 -9.76 25.71 -18.65
N PRO A 78 -10.67 26.35 -19.43
CA PRO A 78 -11.34 25.56 -20.48
C PRO A 78 -10.35 24.99 -21.49
N GLY A 79 -10.66 23.80 -22.00
CA GLY A 79 -9.83 23.17 -23.02
C GLY A 79 -8.50 22.62 -22.55
N ASP A 80 -8.29 22.58 -21.23
CA ASP A 80 -7.04 22.09 -20.62
C ASP A 80 -6.75 20.61 -20.92
N VAL A 81 -7.76 19.78 -20.73
CA VAL A 81 -7.67 18.35 -20.97
C VAL A 81 -7.38 18.05 -22.45
N ASP A 82 -8.07 18.78 -23.34
CA ASP A 82 -7.83 18.67 -24.78
C ASP A 82 -6.37 18.90 -25.13
N VAL A 83 -5.79 19.95 -24.55
CA VAL A 83 -4.39 20.32 -24.80
C VAL A 83 -3.50 19.19 -24.32
N LEU A 84 -3.78 18.73 -23.10
CA LEU A 84 -3.04 17.66 -22.44
C LEU A 84 -3.03 16.38 -23.27
N PHE A 85 -4.21 15.93 -23.66
CA PHE A 85 -4.30 14.67 -24.38
C PHE A 85 -3.90 14.75 -25.84
N GLU A 86 -3.87 15.94 -26.41
CA GLU A 86 -3.38 16.12 -27.78
C GLU A 86 -1.86 15.94 -27.79
N GLY A 87 -1.18 16.50 -26.78
CA GLY A 87 0.26 16.35 -26.61
C GLY A 87 0.68 14.96 -26.13
N LEU A 88 -0.09 14.40 -25.19
CA LEU A 88 0.17 13.06 -24.66
C LEU A 88 0.06 11.98 -25.74
N GLU A 89 -1.11 11.93 -26.40
CA GLU A 89 -1.37 10.92 -27.40
C GLU A 89 -0.45 11.04 -28.63
N ARG A 90 -0.10 12.26 -29.02
CA ARG A 90 0.89 12.45 -30.08
C ARG A 90 2.28 11.96 -29.70
N GLY A 91 2.68 12.22 -28.46
CA GLY A 91 3.98 11.79 -27.96
C GLY A 91 4.07 10.29 -27.83
N LEU A 92 2.97 9.66 -27.41
CA LEU A 92 2.93 8.22 -27.22
C LEU A 92 2.88 7.50 -28.57
N LYS A 93 2.22 8.12 -29.54
CA LYS A 93 2.12 7.56 -30.88
C LYS A 93 3.48 7.54 -31.56
N GLU A 94 4.18 8.67 -31.52
CA GLU A 94 5.43 8.81 -32.26
C GLU A 94 6.53 7.95 -31.64
N ARG A 95 6.35 7.59 -30.38
CA ARG A 95 7.37 6.86 -29.65
C ARG A 95 7.12 5.36 -29.53
N THR A 96 5.85 4.96 -29.50
CA THR A 96 5.49 3.56 -29.29
C THR A 96 4.59 3.00 -30.38
N GLY A 97 4.01 3.88 -31.20
CA GLY A 97 3.14 3.46 -32.32
C GLY A 97 1.67 3.27 -31.94
N ALA A 98 1.35 3.57 -30.69
CA ALA A 98 -0.03 3.53 -30.20
C ALA A 98 -0.27 4.68 -29.22
N THR A 99 -1.54 4.93 -28.91
CA THR A 99 -1.91 5.98 -27.99
C THR A 99 -2.24 5.41 -26.60
N ASP A 100 -2.01 4.10 -26.43
CA ASP A 100 -2.27 3.40 -25.17
C ASP A 100 -1.60 4.07 -23.97
N LEU A 101 -2.40 4.29 -22.94
CA LEU A 101 -1.92 4.80 -21.65
C LEU A 101 -2.22 3.78 -20.57
N ASP A 102 -1.18 3.10 -20.10
CA ASP A 102 -1.32 2.08 -19.09
C ASP A 102 -1.48 2.64 -17.67
N ILE A 103 -0.81 3.75 -17.36
CA ILE A 103 -0.79 4.28 -15.99
C ILE A 103 -1.14 5.77 -15.93
N LEU A 104 -2.06 6.13 -15.03
CA LEU A 104 -2.36 7.55 -14.81
C LEU A 104 -2.15 8.00 -13.37
N VAL A 105 -1.27 8.97 -13.18
CA VAL A 105 -1.13 9.58 -11.85
C VAL A 105 -1.60 11.03 -11.84
N ASN A 106 -2.75 11.27 -11.25
CA ASN A 106 -3.20 12.63 -11.05
C ASN A 106 -2.48 13.21 -9.86
N ASN A 107 -1.41 13.95 -10.13
CA ASN A 107 -0.58 14.50 -9.07
C ASN A 107 -0.67 16.02 -8.98
N ALA A 108 -0.74 16.70 -10.11
CA ALA A 108 -0.77 18.16 -10.12
C ALA A 108 -1.78 18.65 -9.12
N GLY A 109 -1.39 19.65 -8.35
CA GLY A 109 -2.23 20.17 -7.30
C GLY A 109 -1.80 21.55 -6.86
N VAL A 110 -2.76 22.32 -6.38
CA VAL A 110 -2.46 23.60 -5.76
C VAL A 110 -2.82 23.53 -4.28
N MET A 111 -2.04 24.24 -3.48
CA MET A 111 -2.22 24.34 -2.04
C MET A 111 -2.37 25.82 -1.68
N ALA A 112 -3.21 26.14 -0.72
CA ALA A 112 -3.34 27.54 -0.27
C ALA A 112 -3.71 27.58 1.20
N MET A 113 -3.03 28.44 1.94
CA MET A 113 -3.33 28.61 3.36
C MET A 113 -3.89 29.99 3.62
N GLY A 114 -4.87 30.04 4.52
CA GLY A 114 -5.54 31.29 4.87
C GLY A 114 -6.70 31.02 5.81
N ALA A 115 -7.15 32.06 6.49
CA ALA A 115 -8.28 31.93 7.40
C ALA A 115 -9.51 31.59 6.57
N PRO A 116 -10.39 30.71 7.08
CA PRO A 116 -11.61 30.34 6.33
C PRO A 116 -12.50 31.56 6.01
N GLU A 117 -12.37 32.60 6.84
CA GLU A 117 -13.13 33.84 6.70
C GLU A 117 -12.72 34.66 5.47
N GLU A 118 -11.48 34.49 5.02
CA GLU A 118 -10.92 35.29 3.94
C GLU A 118 -10.93 34.63 2.55
N VAL A 119 -11.41 33.38 2.48
CA VAL A 119 -11.55 32.67 1.20
C VAL A 119 -12.55 33.36 0.28
N THR A 120 -12.12 33.65 -0.94
CA THR A 120 -13.00 34.20 -1.97
C THR A 120 -13.53 33.09 -2.90
N PRO A 121 -14.62 33.36 -3.64
CA PRO A 121 -15.11 32.39 -4.63
C PRO A 121 -14.12 32.08 -5.75
N GLU A 122 -13.26 33.05 -6.09
CA GLU A 122 -12.22 32.85 -7.10
C GLU A 122 -11.21 31.81 -6.61
N MET A 123 -10.76 31.99 -5.37
CA MET A 123 -9.85 31.04 -4.73
C MET A 123 -10.47 29.64 -4.72
N PHE A 124 -11.76 29.57 -4.43
CA PHE A 124 -12.46 28.29 -4.34
C PHE A 124 -12.51 27.60 -5.70
N ASP A 125 -12.89 28.35 -6.74
CA ASP A 125 -13.01 27.81 -8.08
C ASP A 125 -11.66 27.29 -8.57
N ARG A 126 -10.59 28.05 -8.31
CA ARG A 126 -9.26 27.65 -8.69
C ARG A 126 -8.89 26.32 -8.02
N MET A 127 -9.09 26.27 -6.72
CA MET A 127 -8.80 25.08 -5.91
C MET A 127 -9.54 23.87 -6.44
N MET A 128 -10.85 23.99 -6.62
CA MET A 128 -11.68 22.90 -7.08
C MET A 128 -11.39 22.54 -8.53
N ALA A 129 -11.07 23.56 -9.35
CA ALA A 129 -10.83 23.36 -10.78
C ALA A 129 -9.56 22.54 -11.02
N VAL A 130 -8.49 22.89 -10.33
CA VAL A 130 -7.24 22.19 -10.51
C VAL A 130 -7.26 20.84 -9.78
N ASN A 131 -7.74 20.83 -8.54
CA ASN A 131 -7.61 19.67 -7.68
C ASN A 131 -8.65 18.56 -7.82
N ALA A 132 -9.83 18.87 -8.34
CA ALA A 132 -10.86 17.83 -8.52
C ALA A 132 -11.42 17.70 -9.93
N LYS A 133 -11.79 18.84 -10.52
CA LYS A 133 -12.39 18.88 -11.86
C LYS A 133 -11.44 18.39 -12.94
N ALA A 134 -10.24 18.96 -13.01
CA ALA A 134 -9.26 18.49 -14.00
C ALA A 134 -9.03 16.97 -13.86
N PRO A 135 -8.72 16.49 -12.64
CA PRO A 135 -8.56 15.05 -12.44
C PRO A 135 -9.74 14.23 -12.94
N PHE A 136 -10.96 14.66 -12.67
CA PHE A 136 -12.12 13.90 -13.15
C PHE A 136 -12.14 13.81 -14.68
N PHE A 137 -11.92 14.93 -15.36
CA PHE A 137 -11.96 14.93 -16.81
C PHE A 137 -10.73 14.25 -17.45
N ILE A 138 -9.63 14.23 -16.73
CA ILE A 138 -8.43 13.52 -17.18
C ILE A 138 -8.73 12.02 -17.16
N VAL A 139 -9.32 11.56 -16.06
CA VAL A 139 -9.79 10.18 -15.99
C VAL A 139 -10.78 9.88 -17.13
N GLN A 140 -11.79 10.73 -17.28
CA GLN A 140 -12.80 10.53 -18.32
C GLN A 140 -12.12 10.36 -19.68
N ARG A 141 -11.20 11.27 -20.00
CA ARG A 141 -10.47 11.18 -21.25
C ARG A 141 -9.50 9.96 -21.33
N ALA A 142 -8.95 9.56 -20.19
CA ALA A 142 -8.02 8.45 -20.18
C ALA A 142 -8.70 7.11 -20.50
N LEU A 143 -10.01 7.01 -20.23
CA LEU A 143 -10.76 5.75 -20.40
C LEU A 143 -10.82 5.23 -21.84
N SER A 144 -10.76 6.13 -22.81
CA SER A 144 -10.76 5.73 -24.23
C SER A 144 -9.40 5.16 -24.70
N VAL A 145 -8.33 5.46 -23.97
CA VAL A 145 -7.00 5.05 -24.39
C VAL A 145 -6.30 4.11 -23.41
N MET A 146 -6.98 3.73 -22.33
CA MET A 146 -6.36 2.90 -21.31
C MET A 146 -6.72 1.45 -21.52
N PRO A 147 -5.70 0.60 -21.73
CA PRO A 147 -5.94 -0.84 -21.87
C PRO A 147 -6.30 -1.54 -20.55
N ASP A 148 -6.98 -2.68 -20.67
CA ASP A 148 -7.21 -3.59 -19.56
C ASP A 148 -5.92 -3.77 -18.77
N GLY A 149 -6.04 -3.88 -17.45
CA GLY A 149 -4.86 -3.98 -16.59
C GLY A 149 -4.22 -2.64 -16.28
N GLY A 150 -4.92 -1.56 -16.60
CA GLY A 150 -4.41 -0.20 -16.40
C GLY A 150 -4.47 0.24 -14.95
N ARG A 151 -3.89 1.39 -14.66
CA ARG A 151 -3.76 1.89 -13.30
C ARG A 151 -4.11 3.37 -13.22
N ILE A 152 -4.99 3.74 -12.30
CA ILE A 152 -5.26 5.15 -12.07
C ILE A 152 -4.99 5.44 -10.61
N ILE A 153 -4.09 6.37 -10.36
CA ILE A 153 -3.70 6.71 -9.00
C ILE A 153 -3.84 8.21 -8.80
N ASN A 154 -4.62 8.59 -7.80
CA ASN A 154 -4.81 9.98 -7.45
C ASN A 154 -4.10 10.33 -6.15
N VAL A 155 -3.29 11.37 -6.20
CA VAL A 155 -2.57 11.83 -5.03
C VAL A 155 -3.46 12.76 -4.24
N SER A 156 -3.92 12.27 -3.09
CA SER A 156 -4.78 13.02 -2.20
C SER A 156 -3.96 13.77 -1.14
N SER A 157 -4.48 13.80 0.08
CA SER A 157 -3.82 14.44 1.20
C SER A 157 -4.41 13.89 2.49
N GLY A 158 -3.55 13.69 3.50
CA GLY A 158 -4.00 13.25 4.82
C GLY A 158 -4.94 14.22 5.53
N LEU A 159 -4.97 15.47 5.05
CA LEU A 159 -5.85 16.48 5.62
C LEU A 159 -7.33 16.18 5.38
N THR A 160 -7.63 15.10 4.68
CA THR A 160 -9.03 14.67 4.52
C THR A 160 -9.50 13.92 5.79
N ARG A 161 -8.52 13.57 6.63
CA ARG A 161 -8.77 12.89 7.91
C ARG A 161 -8.25 13.72 9.10
N VAL A 162 -7.63 14.87 8.84
CA VAL A 162 -7.07 15.71 9.92
C VAL A 162 -7.58 17.14 9.79
N ALA A 163 -8.41 17.57 10.74
CA ALA A 163 -8.99 18.91 10.71
C ALA A 163 -7.90 19.98 10.65
N SER A 164 -8.07 20.93 9.73
CA SER A 164 -7.12 22.04 9.56
C SER A 164 -7.82 23.22 8.92
N PRO A 165 -8.43 24.10 9.75
CA PRO A 165 -9.28 25.17 9.24
C PRO A 165 -8.63 26.03 8.15
N ASP A 166 -7.31 26.24 8.25
CA ASP A 166 -6.57 27.05 7.30
C ASP A 166 -6.43 26.42 5.92
N GLN A 167 -6.91 25.19 5.81
CA GLN A 167 -6.77 24.45 4.57
C GLN A 167 -8.07 23.77 4.21
N VAL A 168 -9.17 24.41 4.59
CA VAL A 168 -10.49 23.80 4.44
C VAL A 168 -10.89 23.59 2.98
N THR A 169 -10.71 24.61 2.15
CA THR A 169 -11.07 24.52 0.73
C THR A 169 -10.19 23.51 -0.02
N TYR A 170 -8.89 23.51 0.30
CA TYR A 170 -7.98 22.45 -0.12
C TYR A 170 -8.52 21.08 0.28
N GLY A 171 -8.84 20.92 1.57
CA GLY A 171 -9.50 19.71 2.07
C GLY A 171 -10.75 19.30 1.31
N MET A 172 -11.66 20.24 1.10
CA MET A 172 -12.86 19.93 0.34
C MET A 172 -12.51 19.36 -1.03
N SER A 173 -11.51 19.97 -1.68
CA SER A 173 -11.11 19.60 -3.03
C SER A 173 -10.50 18.21 -3.08
N LYS A 174 -9.77 17.83 -2.03
CA LYS A 174 -9.19 16.49 -1.97
C LYS A 174 -10.23 15.43 -1.61
N GLY A 175 -11.23 15.82 -0.81
CA GLY A 175 -12.35 14.92 -0.48
C GLY A 175 -13.22 14.63 -1.70
N ALA A 176 -13.26 15.58 -2.63
CA ALA A 176 -13.93 15.39 -3.92
C ALA A 176 -13.09 14.48 -4.80
N LEU A 177 -11.78 14.65 -4.72
CA LEU A 177 -10.83 13.78 -5.43
C LEU A 177 -10.89 12.30 -5.03
N GLU A 178 -11.02 12.04 -3.74
CA GLU A 178 -11.02 10.69 -3.24
C GLU A 178 -12.21 9.88 -3.73
N GLN A 179 -13.27 10.58 -4.10
CA GLN A 179 -14.48 9.95 -4.57
C GLN A 179 -14.28 9.28 -5.92
N ILE A 180 -13.31 9.76 -6.67
CA ILE A 180 -13.05 9.19 -7.98
C ILE A 180 -12.69 7.70 -7.84
N ALA A 181 -11.76 7.38 -6.95
CA ALA A 181 -11.35 6.01 -6.71
C ALA A 181 -12.55 5.13 -6.36
N LEU A 182 -13.41 5.59 -5.45
CA LEU A 182 -14.56 4.79 -5.01
C LEU A 182 -15.51 4.43 -6.15
N HIS A 183 -15.95 5.43 -6.92
CA HIS A 183 -16.95 5.23 -7.97
C HIS A 183 -16.42 4.66 -9.28
N PHE A 184 -15.19 5.05 -9.66
CA PHE A 184 -14.60 4.51 -10.88
C PHE A 184 -14.11 3.07 -10.74
N SER A 185 -13.68 2.68 -9.54
CA SER A 185 -13.23 1.31 -9.34
C SER A 185 -14.40 0.33 -9.58
N ARG A 186 -15.63 0.76 -9.32
CA ARG A 186 -16.79 -0.07 -9.64
C ARG A 186 -17.05 -0.08 -11.15
N HIS A 187 -17.00 1.09 -11.76
CA HIS A 187 -17.14 1.24 -13.21
C HIS A 187 -16.14 0.38 -13.98
N LEU A 188 -14.89 0.33 -13.51
CA LEU A 188 -13.78 -0.24 -14.27
C LEU A 188 -13.33 -1.64 -13.85
N GLY A 189 -14.06 -2.27 -12.94
CA GLY A 189 -13.73 -3.61 -12.43
C GLY A 189 -13.50 -4.68 -13.50
N SER A 190 -14.36 -4.73 -14.50
CA SER A 190 -14.30 -5.77 -15.54
C SER A 190 -13.25 -5.46 -16.62
N ARG A 191 -12.69 -4.26 -16.58
CA ARG A 191 -11.54 -3.96 -17.42
C ARG A 191 -10.25 -4.21 -16.64
N ARG A 192 -10.41 -4.57 -15.37
CA ARG A 192 -9.29 -4.82 -14.47
C ARG A 192 -8.39 -3.59 -14.41
N ILE A 193 -9.00 -2.40 -14.35
CA ILE A 193 -8.27 -1.18 -14.12
C ILE A 193 -8.45 -0.81 -12.65
N THR A 194 -7.35 -0.74 -11.90
CA THR A 194 -7.44 -0.34 -10.48
C THR A 194 -7.38 1.17 -10.35
N VAL A 195 -8.21 1.70 -9.44
CA VAL A 195 -8.29 3.14 -9.19
C VAL A 195 -8.13 3.34 -7.70
N ASN A 196 -7.15 4.15 -7.31
CA ASN A 196 -6.79 4.31 -5.89
C ASN A 196 -6.34 5.72 -5.48
N SER A 197 -6.50 6.04 -4.20
CA SER A 197 -6.05 7.31 -3.64
C SER A 197 -4.85 7.08 -2.70
N VAL A 198 -3.79 7.84 -2.93
CA VAL A 198 -2.64 7.87 -2.03
C VAL A 198 -2.71 9.18 -1.27
N ALA A 199 -2.61 9.07 0.06
CA ALA A 199 -2.59 10.24 0.92
C ALA A 199 -1.23 10.39 1.59
N PRO A 200 -0.36 11.25 1.02
CA PRO A 200 0.86 11.62 1.74
C PRO A 200 0.51 12.48 2.93
N GLY A 201 1.41 12.55 3.91
CA GLY A 201 1.36 13.60 4.93
C GLY A 201 2.27 14.71 4.46
N SER A 202 2.70 15.55 5.40
CA SER A 202 3.59 16.65 5.09
C SER A 202 4.84 16.10 4.44
N THR A 203 5.19 16.69 3.29
CA THR A 203 6.25 16.17 2.43
C THR A 203 7.11 17.33 1.92
N ASP A 204 8.43 17.23 2.10
CA ASP A 204 9.36 18.23 1.55
C ASP A 204 9.31 18.25 0.02
N ASN A 205 8.71 19.28 -0.54
CA ASN A 205 8.62 19.42 -1.99
C ASN A 205 9.70 20.36 -2.54
N GLY A 206 10.74 20.57 -1.74
CA GLY A 206 11.90 21.39 -2.13
C GLY A 206 11.61 22.87 -2.23
N SER A 207 10.56 23.33 -1.56
CA SER A 207 10.22 24.74 -1.56
C SER A 207 10.61 25.38 -0.24
N ALA A 208 10.96 26.67 -0.30
CA ALA A 208 11.58 27.41 0.82
C ALA A 208 10.89 27.25 2.18
N LEU A 209 9.60 26.90 2.16
CA LEU A 209 8.81 26.72 3.38
C LEU A 209 9.41 25.67 4.32
N PHE A 210 9.97 24.60 3.75
CA PHE A 210 10.55 23.52 4.55
C PHE A 210 11.97 23.83 5.02
N GLN A 211 12.42 25.06 4.77
CA GLN A 211 13.74 25.52 5.22
C GLN A 211 13.65 26.23 6.56
N ILE A 212 12.50 26.86 6.82
CA ILE A 212 12.26 27.55 8.09
C ILE A 212 12.25 26.53 9.23
N PRO A 213 13.28 26.56 10.10
CA PRO A 213 13.51 25.54 11.13
C PRO A 213 12.35 25.37 12.13
N GLU A 214 11.62 26.45 12.40
CA GLU A 214 10.49 26.40 13.33
C GLU A 214 9.28 25.74 12.68
N VAL A 215 9.06 26.04 11.40
CA VAL A 215 7.98 25.45 10.61
C VAL A 215 8.27 23.96 10.36
N ARG A 216 9.51 23.65 10.00
CA ARG A 216 9.92 22.28 9.80
C ARG A 216 9.84 21.46 11.08
N GLU A 217 10.12 22.08 12.22
CA GLU A 217 9.96 21.41 13.51
C GLU A 217 8.51 21.01 13.72
N THR A 218 7.60 21.98 13.53
CA THR A 218 6.16 21.78 13.71
C THR A 218 5.64 20.64 12.84
N LEU A 219 6.01 20.66 11.56
CA LEU A 219 5.55 19.65 10.60
C LEU A 219 6.11 18.24 10.86
N SER A 220 7.35 18.18 11.35
CA SER A 220 7.97 16.92 11.73
C SER A 220 7.21 16.23 12.84
N GLN A 221 6.67 17.03 13.76
CA GLN A 221 5.99 16.54 14.96
C GLN A 221 4.76 15.71 14.62
N LEU A 222 4.16 16.01 13.47
CA LEU A 222 2.90 15.43 13.02
C LEU A 222 3.01 13.95 12.59
N SER A 223 4.14 13.57 12.01
CA SER A 223 4.44 12.16 11.75
C SER A 223 4.88 11.43 13.02
N THR A 224 4.47 10.17 13.16
CA THR A 224 4.90 9.35 14.28
C THR A 224 6.39 9.02 14.19
N PHE A 225 6.98 9.33 13.03
CA PHE A 225 8.41 9.12 12.81
C PHE A 225 9.24 10.34 13.19
N GLY A 226 8.57 11.47 13.41
CA GLY A 226 9.22 12.69 13.80
C GLY A 226 9.92 13.39 12.64
N GLU A 227 9.46 13.13 11.43
CA GLU A 227 10.03 13.75 10.23
C GLU A 227 8.96 14.06 9.21
N VAL A 228 9.20 15.08 8.39
CA VAL A 228 8.43 15.27 7.14
C VAL A 228 8.92 14.21 6.16
N ALA A 229 8.12 13.91 5.14
CA ALA A 229 8.52 12.88 4.20
C ALA A 229 9.44 13.42 3.11
N GLU A 230 10.33 12.56 2.64
CA GLU A 230 11.03 12.82 1.41
C GLU A 230 10.09 12.39 0.30
N PRO A 231 10.10 13.09 -0.85
CA PRO A 231 9.16 12.75 -1.93
C PRO A 231 9.33 11.33 -2.44
N ALA A 232 10.56 10.82 -2.40
CA ALA A 232 10.85 9.43 -2.78
C ALA A 232 9.96 8.41 -2.04
N ALA A 233 9.59 8.72 -0.80
CA ALA A 233 8.84 7.78 0.06
C ALA A 233 7.40 7.61 -0.40
N ILE A 234 6.85 8.68 -0.97
CA ILE A 234 5.52 8.66 -1.56
C ILE A 234 5.64 7.97 -2.92
N ALA A 235 6.68 8.33 -3.67
CA ALA A 235 6.92 7.76 -4.99
C ALA A 235 7.02 6.24 -4.97
N ASP A 236 7.63 5.67 -3.92
CA ASP A 236 7.76 4.21 -3.81
C ASP A 236 6.40 3.52 -3.64
N VAL A 237 5.48 4.20 -2.95
CA VAL A 237 4.12 3.69 -2.79
C VAL A 237 3.38 3.74 -4.12
N VAL A 238 3.53 4.85 -4.85
CA VAL A 238 2.90 4.99 -6.17
C VAL A 238 3.44 3.96 -7.17
N ALA A 239 4.76 3.78 -7.20
CA ALA A 239 5.35 2.73 -8.03
C ALA A 239 4.72 1.37 -7.76
N PHE A 240 4.58 1.02 -6.48
CA PHE A 240 3.91 -0.22 -6.11
C PHE A 240 2.47 -0.32 -6.62
N LEU A 241 1.66 0.71 -6.39
CA LEU A 241 0.29 0.73 -6.91
C LEU A 241 0.22 0.60 -8.44
N ALA A 242 1.25 1.08 -9.14
CA ALA A 242 1.33 0.98 -10.60
C ALA A 242 1.67 -0.40 -11.11
N SER A 243 2.19 -1.27 -10.24
CA SER A 243 2.70 -2.58 -10.64
C SER A 243 1.65 -3.70 -10.58
N GLU A 244 2.02 -4.87 -11.10
CA GLU A 244 1.18 -6.08 -11.02
C GLU A 244 1.00 -6.53 -9.59
N ASP A 245 1.93 -6.13 -8.73
CA ASP A 245 1.90 -6.48 -7.33
C ASP A 245 0.69 -5.93 -6.58
N ALA A 246 0.12 -4.83 -7.08
CA ALA A 246 -1.02 -4.18 -6.42
C ALA A 246 -2.32 -4.49 -7.15
N ARG A 247 -2.35 -5.60 -7.89
CA ARG A 247 -3.51 -5.93 -8.71
C ARG A 247 -4.79 -6.21 -7.92
N TRP A 248 -4.69 -6.66 -6.66
CA TRP A 248 -5.93 -6.83 -5.88
C TRP A 248 -6.26 -5.67 -4.95
N ILE A 249 -5.72 -4.49 -5.26
CA ILE A 249 -6.08 -3.26 -4.56
C ILE A 249 -6.82 -2.29 -5.49
N THR A 250 -8.10 -2.06 -5.24
CA THR A 250 -8.86 -1.07 -6.03
C THR A 250 -9.91 -0.35 -5.16
N GLY A 251 -10.19 0.91 -5.49
CA GLY A 251 -11.13 1.74 -4.71
C GLY A 251 -10.66 1.98 -3.28
N ALA A 252 -9.34 2.02 -3.12
CA ALA A 252 -8.75 2.03 -1.79
C ALA A 252 -8.06 3.37 -1.47
N PHE A 253 -8.07 3.73 -0.19
CA PHE A 253 -7.41 4.91 0.35
C PHE A 253 -6.13 4.44 0.99
N ILE A 254 -4.99 4.79 0.42
CA ILE A 254 -3.71 4.33 0.94
C ILE A 254 -3.05 5.41 1.81
N ASP A 255 -2.93 5.14 3.11
CA ASP A 255 -2.30 6.06 4.06
C ASP A 255 -0.79 6.00 3.96
N ALA A 256 -0.20 6.97 3.28
CA ALA A 256 1.25 7.09 3.18
C ALA A 256 1.74 8.36 3.91
N SER A 257 1.23 8.58 5.13
CA SER A 257 1.52 9.81 5.85
C SER A 257 2.62 9.66 6.92
N GLY A 258 3.18 8.45 7.04
CA GLY A 258 4.19 8.17 8.06
C GLY A 258 3.58 8.26 9.44
N GLY A 259 2.39 7.66 9.59
CA GLY A 259 1.67 7.65 10.85
C GLY A 259 1.25 9.04 11.32
N THR A 260 0.67 9.83 10.42
CA THR A 260 0.13 11.13 10.78
C THR A 260 -1.38 11.01 11.09
N LEU A 261 -2.00 9.89 10.69
CA LEU A 261 -3.46 9.73 10.79
C LEU A 261 -3.88 8.85 11.96
N LEU A 262 -3.08 8.89 13.03
CA LEU A 262 -3.30 8.02 14.19
C LEU A 262 -4.24 8.63 15.26
N GLY A 263 -4.83 9.78 14.94
CA GLY A 263 -5.66 10.51 15.88
C GLY A 263 -4.81 11.34 16.84
N HIS B 9 22.16 -19.50 -3.64
CA HIS B 9 21.75 -18.26 -2.92
C HIS B 9 21.24 -17.19 -3.89
N ARG B 10 19.93 -16.95 -3.89
CA ARG B 10 19.31 -15.96 -4.78
C ARG B 10 18.99 -14.64 -4.05
N SER B 11 19.70 -13.58 -4.43
CA SER B 11 19.60 -12.26 -3.77
C SER B 11 18.46 -11.36 -4.30
N GLY B 12 17.89 -10.56 -3.40
CA GLY B 12 16.84 -9.59 -3.73
C GLY B 12 16.77 -8.51 -2.66
N ASN B 13 15.64 -7.80 -2.59
CA ASN B 13 15.54 -6.66 -1.68
C ASN B 13 15.46 -6.97 -0.17
N LEU B 14 15.09 -8.20 0.19
CA LEU B 14 15.07 -8.56 1.61
C LEU B 14 16.31 -9.37 2.07
N THR B 15 17.33 -9.42 1.22
CA THR B 15 18.58 -10.07 1.58
C THR B 15 19.13 -9.45 2.87
N GLY B 16 19.35 -10.29 3.88
CA GLY B 16 19.81 -9.83 5.19
C GLY B 16 18.76 -9.99 6.27
N LYS B 17 17.50 -9.90 5.89
CA LYS B 17 16.40 -9.92 6.86
C LYS B 17 15.95 -11.34 7.21
N THR B 18 15.43 -11.49 8.44
CA THR B 18 14.75 -12.69 8.89
C THR B 18 13.27 -12.39 9.03
N ALA B 19 12.43 -13.40 8.84
CA ALA B 19 10.98 -13.20 8.88
C ALA B 19 10.22 -14.39 9.50
N LEU B 20 9.16 -14.08 10.24
CA LEU B 20 8.25 -15.10 10.72
C LEU B 20 6.87 -14.93 10.13
N VAL B 21 6.43 -15.97 9.42
CA VAL B 21 5.10 -16.01 8.85
C VAL B 21 4.31 -17.11 9.56
N THR B 22 3.38 -16.71 10.45
CA THR B 22 2.58 -17.70 11.14
C THR B 22 1.59 -18.29 10.14
N GLY B 23 1.38 -19.60 10.25
CA GLY B 23 0.44 -20.32 9.39
C GLY B 23 0.85 -20.26 7.94
N ALA B 24 2.07 -20.69 7.66
CA ALA B 24 2.66 -20.62 6.32
C ALA B 24 2.66 -21.98 5.60
N SER B 25 1.95 -22.95 6.15
CA SER B 25 1.89 -24.31 5.59
C SER B 25 1.00 -24.39 4.36
N ARG B 26 -0.07 -23.61 4.35
CA ARG B 26 -1.05 -23.59 3.26
C ARG B 26 -1.59 -22.16 3.05
N GLY B 27 -2.37 -21.98 1.99
CA GLY B 27 -3.18 -20.77 1.81
C GLY B 27 -2.39 -19.49 1.64
N ILE B 28 -2.97 -18.40 2.15
CA ILE B 28 -2.33 -17.08 2.10
C ILE B 28 -0.93 -17.08 2.74
N GLY B 29 -0.81 -17.67 3.92
CA GLY B 29 0.49 -17.77 4.61
C GLY B 29 1.59 -18.42 3.80
N ARG B 30 1.25 -19.52 3.10
CA ARG B 30 2.22 -20.17 2.20
C ARG B 30 2.71 -19.20 1.12
N ALA B 31 1.77 -18.50 0.47
CA ALA B 31 2.09 -17.54 -0.57
C ALA B 31 3.00 -16.41 -0.04
N ILE B 32 2.67 -15.90 1.15
CA ILE B 32 3.50 -14.88 1.78
C ILE B 32 4.92 -15.39 2.01
N ALA B 33 5.02 -16.61 2.56
CA ALA B 33 6.31 -17.24 2.82
C ALA B 33 7.15 -17.36 1.56
N GLU B 34 6.57 -18.00 0.53
CA GLU B 34 7.22 -18.19 -0.76
C GLU B 34 7.72 -16.86 -1.31
N LYS B 35 6.89 -15.84 -1.13
CA LYS B 35 7.18 -14.51 -1.65
C LYS B 35 8.30 -13.80 -0.87
N LEU B 36 8.24 -13.82 0.47
CA LEU B 36 9.29 -13.21 1.28
C LEU B 36 10.62 -13.93 1.12
N GLY B 37 10.56 -15.25 0.98
CA GLY B 37 11.76 -16.06 0.78
C GLY B 37 12.41 -15.73 -0.55
N TYR B 38 11.57 -15.61 -1.57
CA TYR B 38 12.01 -15.26 -2.91
C TYR B 38 12.66 -13.87 -2.94
N ALA B 39 12.22 -12.96 -2.07
CA ALA B 39 12.83 -11.63 -1.99
C ALA B 39 14.11 -11.60 -1.15
N GLY B 40 14.56 -12.76 -0.69
CA GLY B 40 15.83 -12.87 0.04
C GLY B 40 15.75 -13.05 1.55
N ALA B 41 14.57 -12.90 2.15
CA ALA B 41 14.45 -13.11 3.62
C ALA B 41 14.63 -14.57 3.98
N LEU B 42 15.28 -14.82 5.12
CA LEU B 42 15.26 -16.11 5.75
C LEU B 42 13.92 -16.29 6.47
N VAL B 43 13.12 -17.26 6.00
CA VAL B 43 11.72 -17.37 6.41
C VAL B 43 11.40 -18.55 7.33
N ALA B 44 10.95 -18.24 8.56
CA ALA B 44 10.40 -19.24 9.45
C ALA B 44 8.98 -19.53 9.01
N VAL B 45 8.77 -20.75 8.54
CA VAL B 45 7.50 -21.21 8.07
C VAL B 45 6.80 -21.85 9.28
N HIS B 46 5.87 -21.15 9.90
CA HIS B 46 5.20 -21.70 11.08
C HIS B 46 3.95 -22.54 10.72
N TYR B 47 3.60 -23.50 11.58
CA TYR B 47 2.41 -24.33 11.41
C TYR B 47 1.97 -24.89 12.76
N ALA B 48 0.71 -25.32 12.84
CA ALA B 48 0.21 -26.05 14.00
C ALA B 48 0.47 -27.56 13.82
N THR B 49 -0.17 -28.17 12.82
CA THR B 49 -0.07 -29.63 12.61
C THR B 49 0.19 -30.04 11.15
N GLY B 50 0.34 -29.06 10.25
CA GLY B 50 0.65 -29.37 8.86
C GLY B 50 2.16 -29.32 8.62
N ALA B 51 2.89 -30.24 9.26
CA ALA B 51 4.35 -30.29 9.11
C ALA B 51 4.77 -30.69 7.70
N ASP B 52 3.99 -31.59 7.09
CA ASP B 52 4.29 -32.03 5.72
C ASP B 52 4.15 -30.85 4.73
N ALA B 53 3.01 -30.15 4.82
CA ALA B 53 2.79 -28.93 4.05
C ALA B 53 3.88 -27.88 4.34
N ALA B 54 4.20 -27.65 5.62
CA ALA B 54 5.22 -26.66 5.97
C ALA B 54 6.59 -26.98 5.38
N ALA B 55 7.02 -28.23 5.48
CA ALA B 55 8.29 -28.66 4.90
C ALA B 55 8.31 -28.45 3.38
N GLU B 56 7.20 -28.80 2.74
CA GLU B 56 7.02 -28.58 1.30
C GLU B 56 7.19 -27.11 0.91
N VAL B 57 6.70 -26.20 1.75
CA VAL B 57 6.90 -24.77 1.54
C VAL B 57 8.37 -24.41 1.78
N ALA B 58 8.89 -24.79 2.95
CA ALA B 58 10.30 -24.55 3.29
C ALA B 58 11.23 -25.09 2.20
N GLU B 59 10.93 -26.28 1.68
CA GLU B 59 11.70 -26.88 0.60
C GLU B 59 11.59 -26.08 -0.68
N SER B 60 10.37 -25.73 -1.05
CA SER B 60 10.10 -24.83 -2.19
C SER B 60 10.95 -23.56 -2.18
N ILE B 61 11.03 -22.90 -1.02
CA ILE B 61 11.82 -21.68 -0.86
C ILE B 61 13.32 -21.95 -1.05
N GLU B 62 13.83 -23.02 -0.42
CA GLU B 62 15.25 -23.36 -0.53
C GLU B 62 15.67 -23.85 -1.93
N LYS B 63 14.76 -24.51 -2.64
CA LYS B 63 15.01 -24.93 -4.03
C LYS B 63 15.28 -23.72 -4.93
N ASP B 64 14.39 -22.73 -4.88
CA ASP B 64 14.54 -21.49 -5.65
C ASP B 64 15.68 -20.60 -5.15
N GLY B 65 16.50 -21.11 -4.23
CA GLY B 65 17.71 -20.41 -3.80
C GLY B 65 17.56 -19.53 -2.58
N GLY B 66 16.36 -19.52 -1.98
CA GLY B 66 16.13 -18.78 -0.73
C GLY B 66 16.53 -19.60 0.49
N ARG B 67 16.12 -19.13 1.66
CA ARG B 67 16.45 -19.80 2.92
C ARG B 67 15.24 -19.86 3.84
N ALA B 68 15.01 -21.04 4.43
CA ALA B 68 13.84 -21.26 5.26
C ALA B 68 13.96 -22.46 6.19
N PHE B 69 13.06 -22.54 7.17
CA PHE B 69 12.90 -23.69 8.06
C PHE B 69 11.51 -23.59 8.66
N THR B 70 11.04 -24.69 9.23
CA THR B 70 9.70 -24.74 9.78
C THR B 70 9.71 -24.68 11.30
N VAL B 71 8.64 -24.12 11.87
CA VAL B 71 8.47 -24.04 13.32
C VAL B 71 7.06 -24.49 13.72
N LYS B 72 7.01 -25.42 14.66
CA LYS B 72 5.75 -25.99 15.14
C LYS B 72 5.25 -25.28 16.40
N ALA B 73 4.02 -24.75 16.33
CA ALA B 73 3.37 -24.18 17.51
C ALA B 73 1.87 -24.08 17.33
N GLU B 74 1.14 -24.77 18.20
CA GLU B 74 -0.30 -24.62 18.30
C GLU B 74 -0.59 -23.32 19.05
N LEU B 75 -1.42 -22.46 18.47
CA LEU B 75 -1.69 -21.13 19.04
C LEU B 75 -3.04 -21.12 19.74
N GLY B 76 -3.18 -20.26 20.74
CA GLY B 76 -4.43 -20.13 21.48
C GLY B 76 -4.58 -21.15 22.58
N VAL B 77 -3.46 -21.75 22.97
CA VAL B 77 -3.37 -22.59 24.16
C VAL B 77 -2.28 -22.03 25.10
N PRO B 78 -2.41 -22.25 26.43
CA PRO B 78 -1.37 -21.72 27.32
C PRO B 78 0.00 -22.22 26.90
N GLY B 79 0.98 -21.31 26.90
CA GLY B 79 2.35 -21.65 26.50
C GLY B 79 2.68 -21.48 25.03
N ASP B 80 1.65 -21.21 24.21
CA ASP B 80 1.79 -21.07 22.75
C ASP B 80 2.96 -20.19 22.28
N VAL B 81 3.03 -18.95 22.79
CA VAL B 81 4.08 -18.01 22.43
C VAL B 81 5.48 -18.52 22.80
N ASP B 82 5.62 -19.15 23.96
CA ASP B 82 6.90 -19.70 24.42
C ASP B 82 7.43 -20.76 23.48
N VAL B 83 6.59 -21.73 23.16
CA VAL B 83 6.89 -22.81 22.21
C VAL B 83 7.27 -22.27 20.83
N LEU B 84 6.55 -21.24 20.39
CA LEU B 84 6.78 -20.61 19.09
C LEU B 84 8.16 -19.99 19.03
N PHE B 85 8.46 -19.15 20.02
CA PHE B 85 9.72 -18.43 20.06
C PHE B 85 10.90 -19.31 20.45
N GLU B 86 10.63 -20.39 21.17
CA GLU B 86 11.64 -21.41 21.42
C GLU B 86 12.19 -21.90 20.05
N GLY B 87 11.28 -22.36 19.18
CA GLY B 87 11.65 -22.88 17.85
C GLY B 87 12.25 -21.86 16.91
N LEU B 88 11.65 -20.67 16.85
CA LEU B 88 12.19 -19.57 16.06
C LEU B 88 13.58 -19.11 16.50
N GLU B 89 13.72 -18.75 17.77
CA GLU B 89 15.00 -18.22 18.26
C GLU B 89 16.11 -19.25 18.08
N ARG B 90 15.76 -20.53 18.17
CA ARG B 90 16.68 -21.63 17.91
C ARG B 90 17.10 -21.66 16.43
N GLY B 91 16.12 -21.71 15.53
CA GLY B 91 16.39 -21.74 14.09
C GLY B 91 17.24 -20.58 13.62
N LEU B 92 16.95 -19.39 14.12
CA LEU B 92 17.67 -18.17 13.74
C LEU B 92 19.12 -18.15 14.22
N LYS B 93 19.37 -18.60 15.45
CA LYS B 93 20.74 -18.72 15.98
C LYS B 93 21.53 -19.68 15.08
N GLU B 94 21.07 -20.92 15.00
CA GLU B 94 21.63 -21.90 14.07
C GLU B 94 22.09 -21.27 12.73
N ARG B 95 21.21 -20.51 12.09
N ARG B 95 21.21 -20.49 12.11
CA ARG B 95 21.46 -20.04 10.74
CA ARG B 95 21.42 -20.04 10.74
C ARG B 95 22.17 -18.69 10.63
C ARG B 95 22.04 -18.64 10.58
N THR B 96 22.04 -17.85 11.66
CA THR B 96 22.60 -16.49 11.63
C THR B 96 23.52 -16.18 12.81
N GLY B 97 23.36 -16.92 13.90
CA GLY B 97 24.06 -16.61 15.15
C GLY B 97 23.45 -15.45 15.94
N ALA B 98 22.22 -15.07 15.60
CA ALA B 98 21.51 -14.02 16.31
C ALA B 98 20.00 -14.33 16.40
N THR B 99 19.31 -13.66 17.32
CA THR B 99 17.88 -13.90 17.50
C THR B 99 17.04 -12.84 16.82
N ASP B 100 17.68 -12.01 16.01
CA ASP B 100 17.01 -10.86 15.37
C ASP B 100 15.88 -11.25 14.43
N LEU B 101 14.73 -10.62 14.65
CA LEU B 101 13.57 -10.79 13.80
C LEU B 101 13.17 -9.48 13.18
N ASP B 102 13.41 -9.37 11.87
CA ASP B 102 13.13 -8.15 11.15
C ASP B 102 11.66 -8.01 10.74
N ILE B 103 11.00 -9.13 10.44
CA ILE B 103 9.66 -9.12 9.86
C ILE B 103 8.74 -10.10 10.56
N LEU B 104 7.60 -9.61 11.04
CA LEU B 104 6.58 -10.44 11.64
C LEU B 104 5.26 -10.33 10.87
N VAL B 105 4.78 -11.47 10.38
CA VAL B 105 3.51 -11.56 9.71
C VAL B 105 2.56 -12.46 10.48
N ASN B 106 1.61 -11.85 11.17
CA ASN B 106 0.57 -12.60 11.86
C ASN B 106 -0.52 -13.01 10.89
N ASN B 107 -0.37 -14.20 10.30
CA ASN B 107 -1.30 -14.65 9.28
C ASN B 107 -2.21 -15.75 9.80
N ALA B 108 -1.75 -16.51 10.78
CA ALA B 108 -2.50 -17.69 11.22
C ALA B 108 -3.84 -17.29 11.80
N GLY B 109 -4.87 -18.06 11.50
CA GLY B 109 -6.18 -17.75 12.01
C GLY B 109 -7.23 -18.80 11.71
N VAL B 110 -8.34 -18.71 12.44
CA VAL B 110 -9.43 -19.67 12.29
C VAL B 110 -10.70 -19.02 11.77
N MET B 111 -11.46 -19.79 11.00
CA MET B 111 -12.69 -19.32 10.37
C MET B 111 -13.81 -20.26 10.75
N ALA B 112 -15.03 -19.73 10.86
CA ALA B 112 -16.19 -20.51 11.27
C ALA B 112 -17.48 -19.78 10.92
N MET B 113 -18.35 -20.45 10.17
CA MET B 113 -19.69 -19.95 9.91
C MET B 113 -20.70 -20.59 10.86
N GLY B 114 -21.88 -20.00 10.94
CA GLY B 114 -22.93 -20.51 11.80
C GLY B 114 -23.86 -19.39 12.25
N ALA B 115 -25.12 -19.76 12.47
CA ALA B 115 -26.11 -18.81 12.95
C ALA B 115 -25.59 -18.17 14.24
N PRO B 116 -25.72 -16.84 14.36
CA PRO B 116 -25.25 -16.17 15.57
C PRO B 116 -25.96 -16.66 16.84
N GLU B 117 -27.14 -17.26 16.68
CA GLU B 117 -27.89 -17.87 17.78
C GLU B 117 -27.25 -19.13 18.34
N GLU B 118 -26.32 -19.72 17.60
CA GLU B 118 -25.73 -21.02 17.96
C GLU B 118 -24.29 -20.91 18.42
N VAL B 119 -23.74 -19.70 18.37
CA VAL B 119 -22.38 -19.46 18.87
C VAL B 119 -22.32 -19.74 20.37
N THR B 120 -21.34 -20.55 20.75
CA THR B 120 -21.13 -20.96 22.13
C THR B 120 -19.93 -20.23 22.76
N PRO B 121 -19.94 -20.04 24.09
CA PRO B 121 -18.77 -19.46 24.76
C PRO B 121 -17.42 -20.11 24.41
N GLU B 122 -17.42 -21.42 24.13
CA GLU B 122 -16.21 -22.16 23.74
C GLU B 122 -15.74 -21.73 22.35
N MET B 123 -16.70 -21.62 21.43
CA MET B 123 -16.47 -21.16 20.07
C MET B 123 -15.93 -19.73 20.05
N PHE B 124 -16.47 -18.90 20.93
CA PHE B 124 -15.99 -17.53 21.08
C PHE B 124 -14.54 -17.47 21.57
N ASP B 125 -14.24 -18.20 22.64
CA ASP B 125 -12.87 -18.23 23.19
C ASP B 125 -11.86 -18.69 22.15
N ARG B 126 -12.22 -19.72 21.39
CA ARG B 126 -11.35 -20.25 20.33
C ARG B 126 -10.98 -19.17 19.31
N MET B 127 -11.99 -18.44 18.83
CA MET B 127 -11.81 -17.41 17.80
C MET B 127 -10.89 -16.29 18.29
N MET B 128 -11.14 -15.80 19.50
CA MET B 128 -10.40 -14.68 20.07
C MET B 128 -9.01 -15.12 20.43
N ALA B 129 -8.91 -16.34 20.95
CA ALA B 129 -7.62 -16.90 21.40
C ALA B 129 -6.63 -16.97 20.26
N VAL B 130 -7.09 -17.41 19.09
CA VAL B 130 -6.22 -17.56 17.92
C VAL B 130 -6.07 -16.25 17.13
N ASN B 131 -7.18 -15.55 16.90
CA ASN B 131 -7.22 -14.46 15.92
C ASN B 131 -6.77 -13.09 16.44
N ALA B 132 -6.79 -12.89 17.76
CA ALA B 132 -6.49 -11.60 18.37
C ALA B 132 -5.48 -11.70 19.51
N LYS B 133 -5.73 -12.64 20.42
CA LYS B 133 -4.89 -12.80 21.60
C LYS B 133 -3.49 -13.23 21.20
N ALA B 134 -3.36 -14.38 20.54
CA ALA B 134 -2.04 -14.84 20.14
C ALA B 134 -1.30 -13.78 19.29
N PRO B 135 -2.00 -13.15 18.33
CA PRO B 135 -1.33 -12.09 17.62
C PRO B 135 -0.78 -10.99 18.53
N PHE B 136 -1.54 -10.57 19.54
CA PHE B 136 -1.04 -9.56 20.47
C PHE B 136 0.24 -10.01 21.19
N PHE B 137 0.23 -11.23 21.69
CA PHE B 137 1.34 -11.72 22.48
C PHE B 137 2.53 -12.08 21.63
N ILE B 138 2.26 -12.47 20.38
CA ILE B 138 3.34 -12.72 19.43
C ILE B 138 4.04 -11.40 19.17
N VAL B 139 3.28 -10.31 19.06
CA VAL B 139 3.83 -8.97 18.88
C VAL B 139 4.61 -8.52 20.12
N GLN B 140 3.98 -8.66 21.28
CA GLN B 140 4.61 -8.31 22.54
C GLN B 140 5.97 -8.97 22.67
N ARG B 141 6.03 -10.27 22.37
CA ARG B 141 7.29 -11.01 22.49
C ARG B 141 8.31 -10.60 21.42
N ALA B 142 7.85 -10.30 20.20
CA ALA B 142 8.75 -9.96 19.10
C ALA B 142 9.50 -8.65 19.33
N LEU B 143 8.90 -7.73 20.08
CA LEU B 143 9.53 -6.44 20.37
C LEU B 143 10.93 -6.56 20.96
N SER B 144 11.14 -7.56 21.82
CA SER B 144 12.44 -7.78 22.45
C SER B 144 13.54 -8.19 21.44
N VAL B 145 13.13 -8.81 20.33
CA VAL B 145 14.10 -9.27 19.33
C VAL B 145 14.01 -8.60 17.96
N MET B 146 13.21 -7.54 17.87
CA MET B 146 13.04 -6.84 16.60
C MET B 146 13.90 -5.58 16.53
N PRO B 147 14.81 -5.50 15.53
CA PRO B 147 15.63 -4.30 15.35
C PRO B 147 14.82 -3.15 14.73
N ASP B 148 15.34 -1.94 14.89
CA ASP B 148 14.76 -0.78 14.25
C ASP B 148 14.67 -1.03 12.76
N GLY B 149 13.63 -0.49 12.14
CA GLY B 149 13.41 -0.67 10.71
C GLY B 149 12.63 -1.94 10.43
N GLY B 150 12.17 -2.59 11.50
CA GLY B 150 11.44 -3.84 11.39
C GLY B 150 10.04 -3.65 10.83
N ARG B 151 9.35 -4.75 10.60
CA ARG B 151 8.03 -4.70 10.00
C ARG B 151 7.10 -5.65 10.72
N ILE B 152 5.91 -5.17 11.08
CA ILE B 152 4.82 -6.02 11.60
C ILE B 152 3.57 -5.87 10.72
N ILE B 153 3.03 -7.00 10.30
CA ILE B 153 1.90 -7.00 9.38
C ILE B 153 0.90 -8.02 9.88
N ASN B 154 -0.32 -7.56 10.14
CA ASN B 154 -1.39 -8.42 10.62
C ASN B 154 -2.43 -8.66 9.54
N VAL B 155 -2.61 -9.93 9.18
CA VAL B 155 -3.57 -10.28 8.14
C VAL B 155 -4.95 -10.27 8.78
N SER B 156 -5.72 -9.23 8.45
CA SER B 156 -7.08 -9.06 8.94
C SER B 156 -8.06 -9.67 7.93
N SER B 157 -9.18 -8.97 7.72
CA SER B 157 -10.24 -9.40 6.79
C SER B 157 -11.16 -8.24 6.47
N GLY B 158 -11.64 -8.22 5.23
CA GLY B 158 -12.55 -7.17 4.77
C GLY B 158 -13.88 -7.32 5.46
N LEU B 159 -14.07 -8.45 6.13
CA LEU B 159 -15.30 -8.70 6.89
C LEU B 159 -15.45 -7.76 8.07
N THR B 160 -14.38 -7.07 8.45
CA THR B 160 -14.51 -6.01 9.45
C THR B 160 -15.23 -4.80 8.85
N ARG B 161 -15.41 -4.80 7.52
CA ARG B 161 -16.08 -3.72 6.79
C ARG B 161 -17.41 -4.09 6.15
N VAL B 162 -17.66 -5.39 5.99
CA VAL B 162 -18.88 -5.89 5.35
C VAL B 162 -19.67 -6.73 6.38
N ALA B 163 -20.91 -6.36 6.61
CA ALA B 163 -21.78 -7.10 7.54
C ALA B 163 -22.03 -8.54 7.09
N SER B 164 -21.78 -9.50 7.98
CA SER B 164 -22.00 -10.93 7.72
C SER B 164 -22.39 -11.67 8.99
N PRO B 165 -23.71 -11.75 9.27
CA PRO B 165 -24.27 -12.30 10.52
C PRO B 165 -23.70 -13.66 10.91
N ASP B 166 -23.49 -14.53 9.93
CA ASP B 166 -23.00 -15.86 10.20
C ASP B 166 -21.50 -15.89 10.53
N GLN B 167 -20.89 -14.71 10.58
CA GLN B 167 -19.46 -14.59 10.88
C GLN B 167 -19.15 -13.48 11.87
N VAL B 168 -20.10 -13.23 12.77
CA VAL B 168 -19.95 -12.19 13.78
C VAL B 168 -18.75 -12.39 14.72
N THR B 169 -18.56 -13.60 15.26
CA THR B 169 -17.39 -13.81 16.15
C THR B 169 -16.07 -13.63 15.43
N TYR B 170 -15.98 -14.13 14.20
CA TYR B 170 -14.79 -13.98 13.36
C TYR B 170 -14.48 -12.50 13.10
N GLY B 171 -15.53 -11.74 12.78
CA GLY B 171 -15.39 -10.30 12.55
C GLY B 171 -14.88 -9.62 13.81
N MET B 172 -15.57 -9.88 14.92
CA MET B 172 -15.15 -9.41 16.22
C MET B 172 -13.66 -9.61 16.46
N SER B 173 -13.19 -10.83 16.17
CA SER B 173 -11.78 -11.17 16.40
C SER B 173 -10.86 -10.31 15.54
N LYS B 174 -11.22 -10.13 14.27
CA LYS B 174 -10.40 -9.37 13.32
C LYS B 174 -10.42 -7.86 13.60
N GLY B 175 -11.53 -7.39 14.17
CA GLY B 175 -11.65 -6.00 14.59
C GLY B 175 -10.72 -5.76 15.76
N ALA B 176 -10.60 -6.76 16.64
CA ALA B 176 -9.67 -6.68 17.77
C ALA B 176 -8.24 -6.65 17.23
N LEU B 177 -7.97 -7.52 16.27
CA LEU B 177 -6.68 -7.57 15.59
C LEU B 177 -6.28 -6.24 14.91
N GLU B 178 -7.26 -5.56 14.31
CA GLU B 178 -6.98 -4.32 13.57
C GLU B 178 -6.47 -3.22 14.48
N GLN B 179 -6.85 -3.29 15.74
CA GLN B 179 -6.41 -2.35 16.75
C GLN B 179 -4.93 -2.45 17.07
N ILE B 180 -4.31 -3.58 16.75
CA ILE B 180 -2.88 -3.75 17.02
C ILE B 180 -2.06 -2.78 16.16
N ALA B 181 -2.43 -2.65 14.89
CA ALA B 181 -1.77 -1.69 13.99
C ALA B 181 -1.94 -0.22 14.45
N LEU B 182 -3.12 0.13 14.95
CA LEU B 182 -3.36 1.51 15.39
C LEU B 182 -2.45 1.89 16.56
N HIS B 183 -2.60 1.17 17.67
CA HIS B 183 -1.89 1.51 18.90
C HIS B 183 -0.39 1.25 18.90
N PHE B 184 0.06 0.19 18.23
CA PHE B 184 1.50 -0.09 18.16
C PHE B 184 2.30 0.83 17.24
N SER B 185 1.67 1.27 16.15
CA SER B 185 2.36 2.18 15.23
C SER B 185 2.81 3.45 15.97
N ARG B 186 1.97 3.93 16.89
CA ARG B 186 2.36 5.10 17.69
C ARG B 186 3.51 4.71 18.61
N HIS B 187 3.38 3.54 19.23
CA HIS B 187 4.33 3.08 20.21
C HIS B 187 5.72 2.90 19.63
N LEU B 188 5.78 2.42 18.39
CA LEU B 188 7.05 2.00 17.78
C LEU B 188 7.61 3.01 16.80
N GLY B 189 6.95 4.15 16.68
CA GLY B 189 7.30 5.15 15.69
C GLY B 189 8.75 5.60 15.69
N SER B 190 9.32 5.74 16.88
CA SER B 190 10.69 6.24 16.99
C SER B 190 11.74 5.14 16.80
N ARG B 191 11.31 3.89 16.90
CA ARG B 191 12.12 2.70 16.56
C ARG B 191 11.90 2.28 15.09
N ARG B 192 11.13 3.07 14.34
CA ARG B 192 10.92 2.86 12.90
C ARG B 192 10.35 1.49 12.51
N ILE B 193 9.60 0.88 13.41
CA ILE B 193 8.88 -0.32 13.09
C ILE B 193 7.50 0.09 12.59
N THR B 194 7.18 -0.27 11.34
CA THR B 194 5.87 -0.02 10.79
C THR B 194 4.91 -1.13 11.18
N VAL B 195 3.68 -0.78 11.58
CA VAL B 195 2.69 -1.78 11.97
C VAL B 195 1.39 -1.56 11.18
N ASN B 196 1.04 -2.53 10.34
CA ASN B 196 -0.10 -2.41 9.42
C ASN B 196 -1.04 -3.62 9.44
N SER B 197 -2.29 -3.36 9.06
CA SER B 197 -3.27 -4.39 8.76
C SER B 197 -3.51 -4.50 7.26
N VAL B 198 -3.50 -5.72 6.75
CA VAL B 198 -3.89 -5.97 5.37
C VAL B 198 -5.16 -6.80 5.38
N ALA B 199 -6.16 -6.32 4.65
CA ALA B 199 -7.47 -6.95 4.66
C ALA B 199 -7.78 -7.62 3.32
N PRO B 200 -7.58 -8.95 3.25
CA PRO B 200 -7.99 -9.70 2.05
C PRO B 200 -9.51 -9.74 1.93
N GLY B 201 -10.00 -9.92 0.70
CA GLY B 201 -11.39 -10.30 0.47
C GLY B 201 -11.38 -11.81 0.29
N SER B 202 -12.45 -12.35 -0.28
CA SER B 202 -12.55 -13.79 -0.51
C SER B 202 -11.36 -14.35 -1.31
N THR B 203 -10.62 -15.29 -0.70
CA THR B 203 -9.40 -15.86 -1.29
C THR B 203 -9.45 -17.39 -1.37
N ASP B 204 -9.13 -17.94 -2.55
CA ASP B 204 -9.07 -19.39 -2.78
C ASP B 204 -7.86 -20.00 -2.06
N ASN B 205 -8.09 -20.44 -0.81
CA ASN B 205 -7.07 -21.14 -0.04
C ASN B 205 -6.94 -22.62 -0.44
N GLY B 206 -7.99 -23.15 -1.09
CA GLY B 206 -8.02 -24.52 -1.59
C GLY B 206 -8.79 -25.50 -0.73
N SER B 207 -10.12 -25.35 -0.67
CA SER B 207 -11.00 -26.20 0.17
C SER B 207 -12.50 -25.96 -0.07
N THR B 218 -20.39 -17.87 -6.00
CA THR B 218 -21.15 -16.93 -5.10
C THR B 218 -20.26 -15.92 -4.35
N LEU B 219 -19.18 -16.42 -3.76
CA LEU B 219 -18.20 -15.59 -3.09
C LEU B 219 -17.42 -14.72 -4.09
N SER B 220 -17.30 -15.22 -5.32
CA SER B 220 -16.66 -14.49 -6.40
C SER B 220 -17.39 -13.18 -6.75
N GLN B 221 -18.69 -13.12 -6.44
CA GLN B 221 -19.55 -11.98 -6.79
C GLN B 221 -19.30 -10.76 -5.94
N LEU B 222 -18.47 -10.94 -4.92
CA LEU B 222 -18.20 -9.91 -3.94
C LEU B 222 -17.15 -8.93 -4.44
N SER B 223 -16.08 -9.46 -5.05
CA SER B 223 -15.04 -8.62 -5.66
C SER B 223 -15.56 -7.91 -6.90
N THR B 224 -15.14 -6.66 -7.08
CA THR B 224 -15.51 -5.86 -8.25
C THR B 224 -15.01 -6.54 -9.52
N PHE B 225 -14.04 -7.42 -9.35
CA PHE B 225 -13.45 -8.15 -10.46
C PHE B 225 -14.27 -9.39 -10.81
N GLY B 226 -15.16 -9.79 -9.91
CA GLY B 226 -15.97 -10.99 -10.12
C GLY B 226 -15.16 -12.29 -10.04
N GLU B 227 -14.09 -12.26 -9.24
CA GLU B 227 -13.32 -13.47 -8.90
C GLU B 227 -13.01 -13.53 -7.40
N VAL B 228 -12.71 -14.73 -6.91
CA VAL B 228 -12.04 -14.85 -5.62
C VAL B 228 -10.55 -14.68 -5.90
N ALA B 229 -9.82 -14.14 -4.93
CA ALA B 229 -8.40 -13.89 -5.09
C ALA B 229 -7.58 -15.17 -5.12
N GLU B 230 -6.40 -15.10 -5.73
CA GLU B 230 -5.38 -16.12 -5.56
C GLU B 230 -4.46 -15.67 -4.41
N PRO B 231 -4.01 -16.61 -3.57
CA PRO B 231 -3.13 -16.27 -2.45
C PRO B 231 -1.93 -15.38 -2.83
N ALA B 232 -1.43 -15.53 -4.07
CA ALA B 232 -0.33 -14.69 -4.58
C ALA B 232 -0.69 -13.20 -4.67
N ALA B 233 -1.95 -12.89 -4.98
CA ALA B 233 -2.41 -11.50 -5.07
C ALA B 233 -2.27 -10.78 -3.73
N ILE B 234 -2.48 -11.54 -2.65
CA ILE B 234 -2.40 -11.06 -1.28
C ILE B 234 -0.94 -11.03 -0.82
N ALA B 235 -0.20 -12.09 -1.10
CA ALA B 235 1.25 -12.13 -0.81
C ALA B 235 1.99 -10.92 -1.38
N ASP B 236 1.61 -10.50 -2.60
CA ASP B 236 2.25 -9.34 -3.26
C ASP B 236 2.07 -8.03 -2.49
N VAL B 237 0.96 -7.90 -1.77
CA VAL B 237 0.73 -6.72 -0.92
C VAL B 237 1.57 -6.82 0.36
N VAL B 238 1.58 -8.00 0.98
CA VAL B 238 2.38 -8.23 2.19
C VAL B 238 3.88 -8.05 1.92
N ALA B 239 4.38 -8.60 0.82
CA ALA B 239 5.80 -8.43 0.48
C ALA B 239 6.15 -6.96 0.33
N PHE B 240 5.24 -6.19 -0.28
CA PHE B 240 5.44 -4.76 -0.40
C PHE B 240 5.57 -4.08 0.97
N LEU B 241 4.62 -4.33 1.86
CA LEU B 241 4.64 -3.74 3.19
C LEU B 241 5.92 -4.07 3.95
N ALA B 242 6.42 -5.28 3.74
CA ALA B 242 7.66 -5.76 4.37
C ALA B 242 8.94 -5.10 3.83
N SER B 243 8.86 -4.44 2.66
CA SER B 243 10.04 -3.84 2.04
C SER B 243 10.23 -2.38 2.45
N GLU B 244 11.39 -1.82 2.14
CA GLU B 244 11.69 -0.41 2.41
C GLU B 244 10.79 0.56 1.62
N ASP B 245 10.25 0.08 0.49
CA ASP B 245 9.34 0.86 -0.36
C ASP B 245 8.07 1.29 0.37
N ALA B 246 7.73 0.54 1.43
CA ALA B 246 6.58 0.85 2.26
C ALA B 246 6.95 1.55 3.59
N ARG B 247 8.10 2.20 3.65
CA ARG B 247 8.58 2.77 4.92
C ARG B 247 7.73 3.89 5.53
N TRP B 248 6.94 4.58 4.70
CA TRP B 248 6.10 5.70 5.19
C TRP B 248 4.63 5.32 5.36
N ILE B 249 4.36 4.01 5.31
CA ILE B 249 3.04 3.48 5.65
C ILE B 249 3.14 2.77 7.00
N THR B 250 2.48 3.34 8.00
CA THR B 250 2.33 2.67 9.30
C THR B 250 0.99 3.01 9.93
N GLY B 251 0.47 2.09 10.75
CA GLY B 251 -0.85 2.27 11.37
C GLY B 251 -1.99 2.18 10.36
N ALA B 252 -1.66 1.77 9.13
CA ALA B 252 -2.65 1.79 8.06
C ALA B 252 -3.52 0.53 8.00
N PHE B 253 -4.72 0.70 7.47
CA PHE B 253 -5.57 -0.40 7.06
C PHE B 253 -5.42 -0.52 5.54
N ILE B 254 -4.77 -1.58 5.07
CA ILE B 254 -4.57 -1.78 3.63
C ILE B 254 -5.59 -2.73 3.02
N ASP B 255 -6.49 -2.17 2.23
CA ASP B 255 -7.57 -2.92 1.57
C ASP B 255 -7.05 -3.73 0.39
N ALA B 256 -6.92 -5.04 0.57
CA ALA B 256 -6.55 -5.93 -0.53
C ALA B 256 -7.70 -6.87 -0.95
N SER B 257 -8.92 -6.33 -0.98
CA SER B 257 -10.10 -7.15 -1.22
C SER B 257 -10.52 -7.22 -2.71
N GLY B 258 -9.75 -6.58 -3.57
CA GLY B 258 -10.11 -6.48 -4.97
C GLY B 258 -11.44 -5.80 -5.18
N GLY B 259 -11.67 -4.72 -4.42
CA GLY B 259 -12.87 -3.89 -4.58
C GLY B 259 -14.11 -4.58 -4.08
N THR B 260 -14.02 -5.10 -2.86
CA THR B 260 -15.12 -5.79 -2.22
C THR B 260 -15.74 -4.88 -1.18
N LEU B 261 -15.03 -3.81 -0.84
CA LEU B 261 -15.48 -2.90 0.20
C LEU B 261 -16.12 -1.66 -0.42
N LEU B 262 -16.78 -1.85 -1.56
CA LEU B 262 -17.26 -0.71 -2.35
C LEU B 262 -18.73 -0.37 -2.07
N GLY B 263 -19.31 -1.02 -1.07
CA GLY B 263 -20.70 -0.81 -0.69
C GLY B 263 -21.70 -1.60 -1.51
PA NAP C . 4.40 21.47 -5.49
O1A NAP C . 3.22 22.35 -5.77
O2A NAP C . 5.78 22.14 -5.88
O5B NAP C . 4.32 21.11 -7.11
C5B NAP C . 3.04 21.08 -7.83
C4B NAP C . 3.09 20.52 -9.28
O4B NAP C . 1.76 20.61 -9.90
C3B NAP C . 4.03 21.31 -10.19
O3B NAP C . 4.73 20.40 -11.04
C2B NAP C . 3.10 22.18 -11.00
O2B NAP C . 3.63 22.40 -12.31
C1B NAP C . 1.83 21.35 -11.12
N9A NAP C . 0.64 22.25 -11.28
C8A NAP C . 0.17 23.12 -10.39
N7A NAP C . -0.89 23.73 -10.91
C5A NAP C . -1.09 23.24 -12.14
C6A NAP C . -2.03 23.52 -13.07
N6A NAP C . -2.96 24.44 -12.80
N1A NAP C . -2.03 22.88 -14.26
C2A NAP C . -1.04 21.94 -14.52
N3A NAP C . -0.08 21.68 -13.52
C4A NAP C . -0.14 22.33 -12.35
O3 NAP C . 4.30 19.84 -5.53
PN NAP C . 3.86 18.96 -4.28
O1N NAP C . 3.91 19.68 -3.01
O2N NAP C . 4.73 17.78 -4.42
O5D NAP C . 2.36 18.56 -4.64
C5D NAP C . 2.06 17.40 -5.45
C4D NAP C . 0.72 16.75 -5.05
O4D NAP C . 0.83 16.08 -3.76
C3D NAP C . -0.44 17.74 -4.91
O3D NAP C . -1.69 17.12 -5.37
C2D NAP C . -0.54 17.98 -3.43
O2D NAP C . -1.90 18.35 -3.08
C1D NAP C . -0.22 16.58 -2.91
N1N NAP C . 0.28 16.60 -1.52
C2N NAP C . 1.41 17.39 -1.17
C3N NAP C . 1.84 17.37 0.17
C7N NAP C . 2.93 18.14 0.56
O7N NAP C . 3.15 18.32 1.76
N7N NAP C . 3.68 18.64 -0.43
C4N NAP C . 1.19 16.59 1.13
C5N NAP C . 0.09 15.80 0.78
C6N NAP C . -0.36 15.81 -0.54
P2B NAP C . 4.61 23.66 -12.67
O1X NAP C . 5.98 23.44 -12.22
O2X NAP C . 4.46 23.84 -14.27
O3X NAP C . 3.95 24.99 -12.02
OAC 2V4 D . 1.16 20.25 6.49
CAS 2V4 D . 0.54 19.45 5.79
CAX 2V4 D . 0.31 19.74 4.43
CAR 2V4 D . 0.74 20.92 3.78
CAN 2V4 D . 1.46 21.98 4.38
OAB 2V4 D . 1.03 22.57 5.37
CAL 2V4 D . 2.60 22.47 3.73
CAY 2V4 D . 2.38 22.62 2.21
CAA 2V4 D . 3.34 21.68 1.46
OAG 2V4 D . 2.66 23.95 1.79
CAM 2V4 D . 0.91 22.29 1.82
CAQ 2V4 D . 0.46 21.12 2.44
CAK 2V4 D . -0.24 20.19 1.68
CAP 2V4 D . -0.66 19.03 2.33
OAF 2V4 D . -1.37 18.09 1.63
CAW 2V4 D . -0.41 18.77 3.67
CAT 2V4 D . -0.87 17.58 4.26
OAD 2V4 D . -1.49 16.76 3.59
CAV 2V4 D . -0.63 17.32 5.62
CAU 2V4 D . 0.08 18.27 6.36
CAJ 2V4 D . 0.34 18.03 7.72
CAH 2V4 D . -0.10 16.88 8.35
CAI 2V4 D . -0.81 15.93 7.62
CAO 2V4 D . -1.06 16.16 6.27
OAE 2V4 D . -1.75 15.22 5.56
C1 PEG E . -7.33 0.91 -25.82
O1 PEG E . -6.70 -0.36 -25.95
C2 PEG E . -8.45 0.82 -24.78
O2 PEG E . -9.62 0.27 -25.39
C3 PEG E . -10.50 -0.25 -24.39
C4 PEG E . -11.95 -0.04 -24.84
O4 PEG E . -12.07 -0.39 -26.22
PA NAP F . -6.03 -21.56 5.87
O1A NAP F . -6.04 -22.03 4.47
O2A NAP F . -7.19 -22.29 6.74
O5B NAP F . -4.69 -21.82 6.70
C5B NAP F . -4.60 -21.26 8.01
C4B NAP F . -3.19 -21.39 8.57
O4B NAP F . -3.34 -21.12 9.97
C3B NAP F . -2.63 -22.81 8.43
O3B NAP F . -1.22 -22.76 8.10
C2B NAP F . -2.84 -23.41 9.82
O2B NAP F . -1.80 -24.36 10.19
C1B NAP F . -2.72 -22.17 10.71
N9A NAP F . -3.52 -22.33 11.93
C8A NAP F . -4.83 -22.51 12.06
N7A NAP F . -5.09 -22.59 13.36
C5A NAP F . -3.94 -22.45 14.04
C6A NAP F . -3.63 -22.45 15.34
N6A NAP F . -4.62 -22.62 16.22
N1A NAP F . -2.38 -22.29 15.78
C2A NAP F . -1.35 -22.11 14.85
N3A NAP F . -1.69 -22.12 13.51
C4A NAP F . -2.97 -22.28 13.14
O3 NAP F . -6.29 -19.97 6.04
PN NAP F . -6.27 -18.88 4.85
O1N NAP F . -7.61 -18.91 4.21
O2N NAP F . -5.04 -19.00 4.04
O5D NAP F . -6.19 -17.52 5.70
C5D NAP F . -4.99 -17.03 6.29
C4D NAP F . -5.38 -15.73 6.98
O4D NAP F . -6.13 -14.96 6.02
C3D NAP F . -6.35 -16.03 8.14
O3D NAP F . -6.03 -15.17 9.26
C2D NAP F . -7.70 -15.64 7.61
O2D NAP F . -8.52 -15.16 8.68
C1D NAP F . -7.32 -14.51 6.71
N1N NAP F . -8.27 -14.27 5.63
C2N NAP F . -8.69 -15.32 4.79
C3N NAP F . -9.60 -15.08 3.75
C7N NAP F . -10.02 -16.11 2.92
O7N NAP F . -10.89 -15.92 2.06
N7N NAP F . -9.39 -17.28 3.09
C4N NAP F . -10.06 -13.78 3.56
C5N NAP F . -9.65 -12.73 4.39
C6N NAP F . -8.74 -12.96 5.42
P2B NAP F . -1.99 -25.95 9.84
O1X NAP F . -1.69 -26.29 8.43
O2X NAP F . -1.04 -26.75 10.86
O3X NAP F . -3.50 -26.29 10.23
OAC 2V4 G . -16.45 -14.64 2.46
CAS 2V4 G . -15.57 -13.93 2.94
CAX 2V4 G . -14.59 -14.47 3.79
CAR 2V4 G . -14.57 -15.84 4.15
CAN 2V4 G . -15.47 -16.82 3.72
OAB 2V4 G . -16.68 -16.73 3.90
CAL 2V4 G . -14.91 -17.98 3.15
CAY 2V4 G . -13.88 -18.62 4.12
CAA 2V4 G . -12.57 -18.95 3.40
OAG 2V4 G . -14.44 -19.84 4.63
CAM 2V4 G . -13.59 -17.70 5.34
CAQ 2V4 G . -13.58 -16.34 5.00
CAK 2V4 G . -12.61 -15.50 5.52
CAP 2V4 G . -12.65 -14.16 5.17
OAF 2V4 G . -11.71 -13.32 5.66
CAW 2V4 G . -13.61 -13.63 4.30
CAT 2V4 G . -13.57 -12.27 3.99
OAD 2V4 G . -12.69 -11.55 4.45
CAV 2V4 G . -14.54 -11.73 3.14
CAU 2V4 G . -15.53 -12.58 2.62
CAJ 2V4 G . -16.51 -12.06 1.77
CAH 2V4 G . -16.52 -10.70 1.44
CAI 2V4 G . -15.54 -9.86 1.94
CAO 2V4 G . -14.57 -10.37 2.78
OAE 2V4 G . -13.62 -9.55 3.28
C1 PEG H . 17.41 -5.02 18.56
O1 PEG H . 17.45 -6.45 18.64
C2 PEG H . 17.68 -4.41 19.95
O2 PEG H . 16.47 -3.82 20.50
C3 PEG H . 15.68 -4.78 21.23
C4 PEG H . 15.73 -4.49 22.74
O4 PEG H . 16.21 -5.66 23.43
#